data_3GRZ
#
_entry.id   3GRZ
#
_cell.length_a   148.979
_cell.length_b   56.055
_cell.length_c   54.051
_cell.angle_alpha   90.00
_cell.angle_beta   90.92
_cell.angle_gamma   90.00
#
_symmetry.space_group_name_H-M   'C 1 2 1'
#
loop_
_entity.id
_entity.type
_entity.pdbx_description
1 polymer 'Ribosomal protein L11 methyltransferase'
2 non-polymer GLYCEROL
3 water water
#
_entity_poly.entity_id   1
_entity_poly.type   'polypeptide(L)'
_entity_poly.pdbx_seq_one_letter_code
;KYYHVINLSRHLAIVPEWEDYQPVFKDQEIIRLDPGLAFGTGNHQTTQLAMLGIERAMVKPLTVADVGTGSGILAIAAHK
LGAKSVLATDISDESMTAAEENAALNGIYDIALQKTSLLADVDGKFDLIVANILAEILLDLIPQLDSHLNEDGQVIFSGI
DYLQLPKIEQALAENSFQIDLKMRAGRWIGLAISRKHEGHHHHHH
;
_entity_poly.pdbx_strand_id   A,B
#
loop_
_chem_comp.id
_chem_comp.type
_chem_comp.name
_chem_comp.formula
GOL non-polymer GLYCEROL 'C3 H8 O3'
#
# COMPACT_ATOMS: atom_id res chain seq x y z
N LYS A 1 4.62 22.84 -17.40
CA LYS A 1 3.57 22.39 -16.43
C LYS A 1 3.80 23.00 -15.04
N TYR A 2 2.74 23.01 -14.22
CA TYR A 2 2.86 23.35 -12.81
C TYR A 2 2.97 22.08 -11.97
N TYR A 3 3.85 22.10 -10.96
CA TYR A 3 4.10 20.95 -10.11
C TYR A 3 3.82 21.25 -8.64
N HIS A 4 2.93 20.46 -8.05
CA HIS A 4 2.61 20.55 -6.62
C HIS A 4 3.07 19.32 -5.83
N VAL A 5 2.97 19.41 -4.51
CA VAL A 5 3.29 18.30 -3.60
C VAL A 5 2.36 17.12 -3.86
N ILE A 6 2.97 15.93 -4.00
CA ILE A 6 2.21 14.69 -4.18
C ILE A 6 2.33 13.88 -2.89
N ASN A 7 1.21 13.84 -2.17
CA ASN A 7 1.11 13.17 -0.88
C ASN A 7 0.76 11.72 -1.11
N LEU A 8 1.79 10.89 -1.23
CA LEU A 8 1.63 9.49 -1.62
C LEU A 8 1.06 8.60 -0.52
N SER A 9 1.64 8.71 0.68
CA SER A 9 1.31 7.84 1.79
C SER A 9 1.76 8.44 3.11
N ARG A 10 1.52 7.70 4.18
CA ARG A 10 1.95 8.06 5.51
C ARG A 10 3.46 8.38 5.54
N HIS A 11 4.24 7.61 4.82
CA HIS A 11 5.68 7.73 4.94
C HIS A 11 6.38 8.42 3.78
N LEU A 12 5.63 8.91 2.80
CA LEU A 12 6.26 9.49 1.63
C LEU A 12 5.46 10.58 0.95
N ALA A 13 6.13 11.70 0.69
CA ALA A 13 5.61 12.73 -0.18
C ALA A 13 6.68 13.15 -1.23
N ILE A 14 6.21 13.54 -2.42
CA ILE A 14 7.10 14.02 -3.47
C ILE A 14 6.90 15.51 -3.55
N VAL A 15 7.99 16.25 -3.44
CA VAL A 15 7.99 17.71 -3.38
C VAL A 15 8.89 18.27 -4.49
N PRO A 16 8.39 19.27 -5.26
CA PRO A 16 9.24 19.95 -6.25
C PRO A 16 10.41 20.63 -5.56
N GLU A 17 11.60 20.58 -6.16
CA GLU A 17 12.84 21.06 -5.54
C GLU A 17 12.75 22.42 -4.81
N TRP A 18 12.06 23.38 -5.41
CA TRP A 18 11.95 24.74 -4.86
C TRP A 18 11.00 24.87 -3.67
N GLU A 19 9.93 24.06 -3.68
CA GLU A 19 8.80 24.22 -2.77
C GLU A 19 9.15 23.90 -1.33
N ASP A 20 8.82 24.84 -0.44
CA ASP A 20 9.06 24.64 0.99
C ASP A 20 7.87 23.90 1.58
N TYR A 21 8.10 22.66 1.99
CA TYR A 21 7.05 21.81 2.52
C TYR A 21 7.44 21.29 3.90
N GLN A 22 6.57 21.55 4.87
CA GLN A 22 6.72 20.99 6.21
C GLN A 22 5.60 19.99 6.40
N PRO A 23 5.93 18.68 6.36
CA PRO A 23 4.89 17.67 6.56
C PRO A 23 4.31 17.74 7.97
N VAL A 24 3.00 17.48 8.09
CA VAL A 24 2.33 17.36 9.39
C VAL A 24 3.00 16.27 10.24
N PHE A 25 3.24 15.12 9.63
CA PHE A 25 3.96 14.05 10.30
C PHE A 25 5.44 14.28 10.11
N LYS A 26 6.15 14.45 11.23
CA LYS A 26 7.58 14.72 11.26
C LYS A 26 8.42 13.70 10.50
N ASP A 27 7.96 12.45 10.50
CA ASP A 27 8.73 11.36 9.90
C ASP A 27 8.23 10.92 8.52
N GLN A 28 7.38 11.71 7.89
CA GLN A 28 7.02 11.46 6.49
C GLN A 28 8.19 11.89 5.62
N GLU A 29 8.83 10.92 4.96
CA GLU A 29 9.99 11.18 4.11
CA GLU A 29 9.98 11.20 4.13
C GLU A 29 9.60 12.06 2.92
N ILE A 30 10.47 12.99 2.59
CA ILE A 30 10.29 13.90 1.47
C ILE A 30 11.26 13.49 0.37
N ILE A 31 10.72 13.21 -0.82
CA ILE A 31 11.56 13.11 -2.02
C ILE A 31 11.45 14.40 -2.82
N ARG A 32 12.58 15.09 -2.96
CA ARG A 32 12.69 16.29 -3.80
C ARG A 32 12.92 15.86 -5.24
N LEU A 33 12.20 16.47 -6.18
CA LEU A 33 12.42 16.27 -7.62
C LEU A 33 12.54 17.61 -8.39
N ASP A 34 13.42 17.67 -9.37
CA ASP A 34 13.33 18.67 -10.44
C ASP A 34 12.34 18.22 -11.51
N PRO A 35 11.85 19.19 -12.29
CA PRO A 35 10.45 19.59 -12.23
C PRO A 35 9.65 18.71 -11.26
N GLY A 36 9.30 17.51 -11.71
CA GLY A 36 8.76 16.49 -10.82
C GLY A 36 7.64 15.69 -11.47
N GLY A 42 5.62 7.69 -15.13
CA GLY A 42 4.64 8.39 -15.94
C GLY A 42 3.94 9.50 -15.18
N ASN A 43 2.78 9.19 -14.62
CA ASN A 43 2.01 10.16 -13.83
C ASN A 43 1.85 9.79 -12.35
N HIS A 44 1.05 10.60 -11.64
CA HIS A 44 0.71 10.44 -10.23
C HIS A 44 0.20 9.03 -9.93
N GLN A 45 -0.83 8.59 -10.65
CA GLN A 45 -1.51 7.33 -10.38
C GLN A 45 -0.60 6.09 -10.49
N THR A 46 0.15 6.00 -11.59
CA THR A 46 1.05 4.86 -11.82
C THR A 46 2.22 4.82 -10.85
N THR A 47 2.74 5.99 -10.50
CA THR A 47 3.77 6.13 -9.47
C THR A 47 3.25 5.64 -8.13
N GLN A 48 2.03 6.04 -7.76
CA GLN A 48 1.46 5.62 -6.48
C GLN A 48 1.25 4.11 -6.39
N LEU A 49 0.80 3.48 -7.48
CA LEU A 49 0.65 2.01 -7.48
C LEU A 49 1.99 1.30 -7.30
N ALA A 50 3.02 1.75 -8.02
CA ALA A 50 4.37 1.17 -7.92
C ALA A 50 4.94 1.34 -6.51
N MET A 51 4.72 2.52 -5.92
CA MET A 51 5.07 2.79 -4.53
C MET A 51 4.42 1.89 -3.49
N LEU A 52 3.12 1.63 -3.66
CA LEU A 52 2.42 0.67 -2.80
C LEU A 52 3.03 -0.73 -2.88
N GLY A 53 3.39 -1.14 -4.09
CA GLY A 53 4.08 -2.40 -4.33
C GLY A 53 5.40 -2.46 -3.58
N ILE A 54 6.17 -1.37 -3.64
CA ILE A 54 7.48 -1.27 -2.99
C ILE A 54 7.34 -1.27 -1.47
N GLU A 55 6.32 -0.56 -0.98
CA GLU A 55 6.01 -0.48 0.46
C GLU A 55 5.69 -1.86 1.03
N ARG A 56 4.87 -2.62 0.29
CA ARG A 56 4.54 -3.99 0.62
C ARG A 56 5.78 -4.92 0.60
N ALA A 57 6.59 -4.80 -0.44
CA ALA A 57 7.73 -5.69 -0.68
C ALA A 57 8.94 -5.50 0.23
N MET A 58 9.24 -4.25 0.59
CA MET A 58 10.48 -3.94 1.32
C MET A 58 10.41 -4.27 2.83
N VAL A 59 10.34 -5.55 3.18
CA VAL A 59 10.27 -5.93 4.61
C VAL A 59 11.66 -6.09 5.25
N LYS A 60 12.70 -6.09 4.40
CA LYS A 60 14.09 -6.14 4.81
C LYS A 60 14.87 -5.43 3.69
N PRO A 61 16.17 -5.08 3.91
CA PRO A 61 16.92 -4.54 2.75
C PRO A 61 16.99 -5.49 1.54
N LEU A 62 16.50 -5.02 0.40
CA LEU A 62 16.52 -5.80 -0.84
C LEU A 62 17.45 -5.14 -1.87
N THR A 63 18.07 -5.93 -2.74
CA THR A 63 18.79 -5.36 -3.87
C THR A 63 17.74 -5.07 -4.94
N VAL A 64 17.81 -3.88 -5.53
CA VAL A 64 16.71 -3.38 -6.36
C VAL A 64 17.22 -3.01 -7.77
N ALA A 65 16.45 -3.35 -8.80
CA ALA A 65 16.62 -2.81 -10.16
C ALA A 65 15.35 -2.03 -10.57
N ASP A 66 15.49 -0.71 -10.79
CA ASP A 66 14.40 0.13 -11.34
C ASP A 66 14.58 0.30 -12.85
N VAL A 67 13.75 -0.37 -13.63
CA VAL A 67 13.89 -0.44 -15.09
C VAL A 67 13.06 0.67 -15.70
N GLY A 68 13.68 1.46 -16.59
CA GLY A 68 12.97 2.54 -17.27
C GLY A 68 12.75 3.66 -16.27
N THR A 69 13.83 4.03 -15.59
CA THR A 69 13.74 4.85 -14.38
C THR A 69 13.13 6.26 -14.54
N GLY A 70 13.28 6.88 -15.72
CA GLY A 70 12.73 8.21 -15.97
C GLY A 70 13.39 9.28 -15.11
N SER A 71 12.59 9.89 -14.23
CA SER A 71 13.07 10.89 -13.27
C SER A 71 13.95 10.27 -12.17
N GLY A 72 13.90 8.94 -12.05
CA GLY A 72 14.59 8.23 -10.98
C GLY A 72 13.78 8.14 -9.69
N ILE A 73 12.53 8.61 -9.71
CA ILE A 73 11.67 8.61 -8.51
C ILE A 73 11.58 7.25 -7.76
N LEU A 74 11.35 6.16 -8.48
CA LEU A 74 11.17 4.85 -7.82
C LEU A 74 12.49 4.33 -7.28
N ALA A 75 13.57 4.53 -8.03
CA ALA A 75 14.92 4.21 -7.56
C ALA A 75 15.21 4.94 -6.24
N ILE A 76 14.88 6.24 -6.19
CA ILE A 76 15.18 7.06 -5.01
C ILE A 76 14.33 6.63 -3.82
N ALA A 77 13.04 6.40 -4.06
CA ALA A 77 12.11 5.91 -3.04
C ALA A 77 12.54 4.58 -2.43
N ALA A 78 12.96 3.64 -3.28
CA ALA A 78 13.46 2.34 -2.82
C ALA A 78 14.68 2.52 -1.92
N HIS A 79 15.57 3.43 -2.31
CA HIS A 79 16.77 3.76 -1.54
C HIS A 79 16.40 4.31 -0.16
N LYS A 80 15.45 5.23 -0.14
CA LYS A 80 14.95 5.83 1.11
C LYS A 80 14.19 4.84 2.02
N LEU A 81 13.55 3.85 1.40
CA LEU A 81 12.87 2.80 2.16
C LEU A 81 13.82 1.69 2.62
N GLY A 82 15.10 1.86 2.30
CA GLY A 82 16.15 1.05 2.90
C GLY A 82 16.63 -0.10 2.07
N ALA A 83 16.57 0.04 0.75
CA ALA A 83 17.15 -0.96 -0.16
C ALA A 83 18.63 -1.19 0.15
N LYS A 84 19.07 -2.44 0.02
CA LYS A 84 20.47 -2.78 0.21
C LYS A 84 21.30 -2.10 -0.89
N SER A 85 20.76 -2.11 -2.10
CA SER A 85 21.36 -1.47 -3.26
C SER A 85 20.30 -1.21 -4.34
N VAL A 86 20.54 -0.20 -5.15
CA VAL A 86 19.64 0.18 -6.24
C VAL A 86 20.41 0.44 -7.53
N LEU A 87 20.04 -0.27 -8.59
N LEU A 87 20.03 -0.29 -8.57
CA LEU A 87 20.48 0.04 -9.94
CA LEU A 87 20.43 0.02 -9.93
C LEU A 87 19.29 0.59 -10.74
C LEU A 87 19.23 0.69 -10.62
N ALA A 88 19.49 1.72 -11.42
CA ALA A 88 18.44 2.32 -12.24
C ALA A 88 18.87 2.36 -13.72
N THR A 89 18.01 1.87 -14.61
CA THR A 89 18.31 1.87 -16.04
C THR A 89 17.32 2.69 -16.86
N ASP A 90 17.82 3.26 -17.97
CA ASP A 90 17.00 3.89 -19.00
C ASP A 90 17.78 3.98 -20.31
N ILE A 91 17.10 4.10 -21.44
CA ILE A 91 17.76 4.22 -22.76
C ILE A 91 18.22 5.63 -23.04
N SER A 92 17.64 6.56 -22.32
CA SER A 92 17.76 7.98 -22.59
C SER A 92 18.86 8.62 -21.76
N ASP A 93 19.64 9.47 -22.41
CA ASP A 93 20.68 10.24 -21.74
C ASP A 93 20.08 11.28 -20.79
N GLU A 94 18.94 11.85 -21.20
CA GLU A 94 18.19 12.82 -20.41
CA GLU A 94 18.26 12.84 -20.38
C GLU A 94 17.68 12.23 -19.09
N SER A 95 17.27 10.95 -19.15
CA SER A 95 16.77 10.26 -17.96
C SER A 95 17.91 9.92 -17.00
N MET A 96 19.04 9.47 -17.55
CA MET A 96 20.24 9.23 -16.76
C MET A 96 20.68 10.50 -16.02
N THR A 97 20.61 11.65 -16.69
CA THR A 97 20.91 12.94 -16.05
C THR A 97 19.90 13.31 -14.97
N ALA A 98 18.61 13.19 -15.28
CA ALA A 98 17.56 13.54 -14.34
C ALA A 98 17.63 12.69 -13.08
N ALA A 99 17.86 11.39 -13.25
CA ALA A 99 17.95 10.45 -12.14
C ALA A 99 19.15 10.74 -11.25
N GLU A 100 20.31 10.96 -11.86
CA GLU A 100 21.51 11.37 -11.12
C GLU A 100 21.32 12.67 -10.32
N GLU A 101 20.75 13.69 -10.97
CA GLU A 101 20.53 14.98 -10.32
C GLU A 101 19.44 14.92 -9.25
N ASN A 102 18.37 14.16 -9.52
CA ASN A 102 17.33 14.00 -8.51
C ASN A 102 17.84 13.21 -7.29
N ALA A 103 18.67 12.20 -7.53
CA ALA A 103 19.30 11.45 -6.43
C ALA A 103 20.16 12.36 -5.53
N ALA A 104 20.99 13.20 -6.15
CA ALA A 104 21.89 14.16 -5.46
C ALA A 104 21.10 15.22 -4.68
N LEU A 105 19.99 15.65 -5.26
CA LEU A 105 19.02 16.53 -4.61
C LEU A 105 18.47 15.97 -3.30
N ASN A 106 18.53 14.64 -3.16
CA ASN A 106 18.09 13.95 -1.94
C ASN A 106 19.26 13.42 -1.14
N GLY A 107 20.46 13.86 -1.52
CA GLY A 107 21.70 13.49 -0.84
C GLY A 107 22.09 12.04 -1.05
N ILE A 108 21.73 11.50 -2.21
CA ILE A 108 22.04 10.11 -2.56
C ILE A 108 23.01 10.10 -3.72
N TYR A 109 24.12 9.37 -3.57
CA TYR A 109 25.18 9.35 -4.57
C TYR A 109 25.60 7.93 -4.94
N ASP A 110 24.93 6.93 -4.37
CA ASP A 110 25.31 5.53 -4.63
C ASP A 110 24.24 4.67 -5.33
N ILE A 111 23.28 5.33 -5.98
CA ILE A 111 22.41 4.62 -6.90
C ILE A 111 23.21 4.36 -8.19
N ALA A 112 23.35 3.10 -8.56
CA ALA A 112 24.03 2.76 -9.79
C ALA A 112 23.13 3.10 -10.98
N LEU A 113 23.75 3.61 -12.04
CA LEU A 113 23.02 4.04 -13.23
C LEU A 113 23.62 3.36 -14.45
N GLN A 114 22.76 2.77 -15.28
CA GLN A 114 23.21 2.15 -16.52
C GLN A 114 22.28 2.49 -17.69
N LYS A 115 22.85 3.09 -18.73
CA LYS A 115 22.13 3.38 -19.97
C LYS A 115 22.02 2.14 -20.84
N THR A 116 20.84 1.55 -20.84
CA THR A 116 20.61 0.26 -21.51
C THR A 116 19.13 0.07 -21.73
N SER A 117 18.76 -0.78 -22.68
CA SER A 117 17.36 -1.11 -22.91
C SER A 117 16.96 -2.24 -22.00
N LEU A 118 16.04 -1.94 -21.08
CA LEU A 118 15.50 -2.90 -20.12
C LEU A 118 16.62 -3.50 -19.28
N LEU A 119 16.83 -4.81 -19.39
CA LEU A 119 17.87 -5.49 -18.60
C LEU A 119 18.93 -6.14 -19.49
N ALA A 120 18.97 -5.73 -20.76
N ALA A 120 19.07 -5.61 -20.72
CA ALA A 120 20.02 -6.15 -21.66
CA ALA A 120 19.90 -6.17 -21.81
C ALA A 120 21.31 -5.53 -21.18
C ALA A 120 21.33 -6.60 -21.47
N ASP A 121 22.37 -6.32 -21.10
N ASP A 121 22.15 -5.65 -21.05
CA ASP A 121 23.65 -5.79 -20.63
CA ASP A 121 23.52 -5.98 -20.66
C ASP A 121 23.73 -5.61 -19.12
C ASP A 121 23.71 -5.64 -19.18
N VAL A 122 22.69 -5.99 -18.39
CA VAL A 122 22.73 -5.88 -16.95
C VAL A 122 23.24 -7.21 -16.42
N ASP A 123 24.40 -7.17 -15.78
CA ASP A 123 24.96 -8.35 -15.11
C ASP A 123 24.49 -8.39 -13.68
N GLY A 124 24.07 -9.57 -13.25
CA GLY A 124 23.64 -9.74 -11.87
C GLY A 124 22.14 -9.85 -11.72
N LYS A 125 21.75 -10.27 -10.53
CA LYS A 125 20.37 -10.57 -10.23
C LYS A 125 19.95 -9.75 -9.02
N PHE A 126 18.64 -9.60 -8.82
CA PHE A 126 18.08 -8.67 -7.85
C PHE A 126 16.98 -9.34 -7.02
N ASP A 127 16.79 -8.84 -5.80
CA ASP A 127 15.68 -9.27 -4.94
C ASP A 127 14.35 -8.65 -5.41
N LEU A 128 14.45 -7.48 -6.04
CA LEU A 128 13.27 -6.72 -6.44
C LEU A 128 13.46 -6.02 -7.77
N ILE A 129 12.60 -6.30 -8.75
CA ILE A 129 12.66 -5.59 -10.02
C ILE A 129 11.41 -4.72 -10.14
N VAL A 130 11.62 -3.42 -10.35
CA VAL A 130 10.52 -2.45 -10.44
C VAL A 130 10.52 -1.81 -11.83
N ALA A 131 9.36 -1.77 -12.47
CA ALA A 131 9.22 -1.15 -13.78
C ALA A 131 7.86 -0.46 -13.94
N ASN A 132 7.86 0.86 -14.00
CA ASN A 132 6.68 1.63 -14.33
C ASN A 132 6.83 2.17 -15.75
N ILE A 133 6.39 1.39 -16.73
CA ILE A 133 6.58 1.71 -18.16
C ILE A 133 5.39 1.20 -18.97
N LEU A 134 5.34 1.56 -20.26
CA LEU A 134 4.26 1.12 -21.17
C LEU A 134 4.17 -0.39 -21.22
N ALA A 135 2.95 -0.91 -21.29
CA ALA A 135 2.72 -2.36 -21.32
C ALA A 135 3.44 -3.05 -22.49
N GLU A 136 3.51 -2.38 -23.64
CA GLU A 136 4.25 -2.95 -24.81
C GLU A 136 5.72 -3.22 -24.50
N ILE A 137 6.33 -2.38 -23.66
CA ILE A 137 7.71 -2.53 -23.25
C ILE A 137 7.82 -3.59 -22.13
N LEU A 138 6.85 -3.57 -21.21
CA LEU A 138 6.74 -4.63 -20.19
C LEU A 138 6.68 -6.03 -20.79
N LEU A 139 6.01 -6.14 -21.93
CA LEU A 139 5.99 -7.41 -22.67
C LEU A 139 7.39 -7.91 -23.06
N ASP A 140 8.30 -7.00 -23.40
CA ASP A 140 9.68 -7.36 -23.74
C ASP A 140 10.50 -7.62 -22.49
N LEU A 141 10.20 -6.90 -21.41
CA LEU A 141 10.85 -7.11 -20.12
C LEU A 141 10.55 -8.46 -19.49
N ILE A 142 9.31 -8.94 -19.63
CA ILE A 142 8.91 -10.20 -18.98
C ILE A 142 9.87 -11.41 -19.18
N PRO A 143 10.23 -11.75 -20.45
CA PRO A 143 11.24 -12.84 -20.63
C PRO A 143 12.65 -12.59 -20.09
N GLN A 144 12.95 -11.36 -19.71
CA GLN A 144 14.23 -10.99 -19.11
C GLN A 144 14.27 -11.13 -17.59
N LEU A 145 13.11 -11.32 -16.97
CA LEU A 145 12.99 -11.28 -15.52
C LEU A 145 13.73 -12.43 -14.83
N ASP A 146 13.49 -13.64 -15.30
CA ASP A 146 14.01 -14.86 -14.67
C ASP A 146 15.51 -14.83 -14.42
N SER A 147 16.28 -14.46 -15.43
CA SER A 147 17.74 -14.47 -15.36
C SER A 147 18.32 -13.30 -14.57
N HIS A 148 17.46 -12.38 -14.15
CA HIS A 148 17.87 -11.25 -13.33
C HIS A 148 17.22 -11.26 -11.95
N LEU A 149 16.55 -12.36 -11.59
CA LEU A 149 15.83 -12.43 -10.34
C LEU A 149 16.38 -13.52 -9.42
N ASN A 150 16.73 -13.13 -8.19
CA ASN A 150 17.13 -14.07 -7.15
C ASN A 150 16.00 -15.01 -6.79
N GLU A 151 16.32 -16.10 -6.08
CA GLU A 151 15.26 -16.93 -5.53
C GLU A 151 14.47 -16.13 -4.48
N ASP A 152 13.15 -16.34 -4.47
CA ASP A 152 12.18 -15.55 -3.69
C ASP A 152 12.11 -14.08 -4.13
N GLY A 153 12.66 -13.78 -5.31
CA GLY A 153 12.61 -12.44 -5.89
C GLY A 153 11.21 -11.96 -6.23
N GLN A 154 11.00 -10.66 -6.11
CA GLN A 154 9.69 -10.10 -6.41
C GLN A 154 9.80 -9.05 -7.50
N VAL A 155 8.71 -8.86 -8.23
CA VAL A 155 8.65 -7.94 -9.35
C VAL A 155 7.44 -7.03 -9.16
N ILE A 156 7.65 -5.73 -9.37
CA ILE A 156 6.57 -4.75 -9.33
C ILE A 156 6.44 -4.08 -10.69
N PHE A 157 5.25 -4.18 -11.30
CA PHE A 157 4.94 -3.50 -12.56
C PHE A 157 3.91 -2.43 -12.31
N SER A 158 4.06 -1.28 -12.95
CA SER A 158 2.98 -0.30 -13.04
C SER A 158 2.98 0.25 -14.46
N GLY A 159 2.02 1.13 -14.76
CA GLY A 159 1.96 1.77 -16.09
C GLY A 159 1.15 1.00 -17.11
N ILE A 160 0.37 0.02 -16.63
CA ILE A 160 -0.47 -0.82 -17.47
C ILE A 160 -1.87 -0.22 -17.53
N ASP A 161 -2.38 0.01 -18.74
CA ASP A 161 -3.80 0.32 -18.90
C ASP A 161 -4.57 -0.97 -18.73
N TYR A 162 -5.74 -0.90 -18.12
CA TYR A 162 -6.50 -2.10 -17.77
C TYR A 162 -6.82 -3.00 -18.97
N LEU A 163 -6.97 -2.39 -20.16
CA LEU A 163 -7.24 -3.14 -21.40
C LEU A 163 -6.06 -3.94 -21.88
N GLN A 164 -4.87 -3.55 -21.45
CA GLN A 164 -3.64 -4.25 -21.85
C GLN A 164 -3.24 -5.36 -20.88
N LEU A 165 -3.98 -5.46 -19.77
CA LEU A 165 -3.70 -6.46 -18.74
C LEU A 165 -3.74 -7.94 -19.21
N PRO A 166 -4.79 -8.37 -19.97
CA PRO A 166 -4.83 -9.77 -20.36
C PRO A 166 -3.58 -10.29 -21.08
N LYS A 167 -2.95 -9.45 -21.89
CA LYS A 167 -1.73 -9.82 -22.61
C LYS A 167 -0.53 -9.93 -21.65
N ILE A 168 -0.51 -9.07 -20.62
CA ILE A 168 0.53 -9.11 -19.60
C ILE A 168 0.38 -10.38 -18.76
N GLU A 169 -0.85 -10.69 -18.36
CA GLU A 169 -1.15 -11.90 -17.59
C GLU A 169 -0.74 -13.18 -18.33
N GLN A 170 -1.01 -13.21 -19.63
CA GLN A 170 -0.64 -14.28 -20.53
C GLN A 170 0.88 -14.47 -20.60
N ALA A 171 1.61 -13.37 -20.83
CA ALA A 171 3.07 -13.42 -20.92
C ALA A 171 3.72 -13.81 -19.59
N LEU A 172 3.11 -13.42 -18.47
CA LEU A 172 3.62 -13.80 -17.15
C LEU A 172 3.45 -15.30 -16.89
N ALA A 173 2.27 -15.83 -17.20
CA ALA A 173 1.96 -17.26 -17.08
C ALA A 173 2.91 -18.12 -17.91
N GLU A 174 3.12 -17.71 -19.16
CA GLU A 174 4.05 -18.38 -20.07
C GLU A 174 5.51 -18.35 -19.60
N ASN A 175 5.83 -17.43 -18.69
CA ASN A 175 7.18 -17.30 -18.14
C ASN A 175 7.29 -17.75 -16.69
N SER A 176 6.27 -18.50 -16.25
CA SER A 176 6.19 -19.13 -14.94
CA SER A 176 6.21 -19.13 -14.94
C SER A 176 6.26 -18.11 -13.79
N PHE A 177 5.48 -17.03 -13.96
CA PHE A 177 5.30 -16.02 -12.93
C PHE A 177 3.82 -15.97 -12.52
N GLN A 178 3.59 -15.53 -11.28
CA GLN A 178 2.24 -15.39 -10.78
C GLN A 178 2.05 -13.98 -10.23
N ILE A 179 0.80 -13.51 -10.26
CA ILE A 179 0.41 -12.22 -9.70
C ILE A 179 -0.09 -12.46 -8.28
N ASP A 180 0.59 -11.85 -7.31
CA ASP A 180 0.22 -11.94 -5.90
C ASP A 180 -0.74 -10.85 -5.49
N LEU A 181 -0.58 -9.67 -6.10
CA LEU A 181 -1.43 -8.53 -5.83
C LEU A 181 -1.66 -7.75 -7.13
N LYS A 182 -2.93 -7.48 -7.42
CA LYS A 182 -3.33 -6.62 -8.52
C LYS A 182 -3.99 -5.37 -7.93
N MET A 183 -3.51 -4.21 -8.36
CA MET A 183 -4.01 -2.94 -7.90
C MET A 183 -4.59 -2.20 -9.10
N ARG A 184 -5.77 -1.60 -8.93
CA ARG A 184 -6.33 -0.77 -10.00
C ARG A 184 -6.79 0.58 -9.48
N ALA A 185 -6.26 1.65 -10.08
CA ALA A 185 -6.72 3.01 -9.79
C ALA A 185 -7.07 3.73 -11.09
N GLY A 186 -8.34 4.08 -11.24
CA GLY A 186 -8.86 4.51 -12.54
C GLY A 186 -8.65 3.42 -13.57
N ARG A 187 -7.95 3.75 -14.65
CA ARG A 187 -7.68 2.78 -15.71
C ARG A 187 -6.32 2.07 -15.53
N TRP A 188 -5.54 2.52 -14.56
CA TRP A 188 -4.17 2.05 -14.41
C TRP A 188 -4.08 0.81 -13.52
N ILE A 189 -3.15 -0.08 -13.86
CA ILE A 189 -2.96 -1.36 -13.18
C ILE A 189 -1.54 -1.40 -12.64
N GLY A 190 -1.42 -1.78 -11.36
CA GLY A 190 -0.14 -2.16 -10.77
C GLY A 190 -0.19 -3.62 -10.37
N LEU A 191 0.95 -4.28 -10.42
CA LEU A 191 1.04 -5.71 -10.10
C LEU A 191 2.26 -6.03 -9.26
N ALA A 192 2.05 -6.90 -8.26
CA ALA A 192 3.12 -7.49 -7.49
C ALA A 192 3.20 -8.94 -7.95
N ILE A 193 4.40 -9.35 -8.37
CA ILE A 193 4.63 -10.57 -9.13
C ILE A 193 5.75 -11.37 -8.45
N SER A 194 5.63 -12.70 -8.43
CA SER A 194 6.71 -13.58 -7.97
C SER A 194 6.69 -14.87 -8.80
N ARG A 195 7.70 -15.72 -8.62
CA ARG A 195 7.78 -16.97 -9.38
C ARG A 195 6.64 -17.89 -8.99
N LYS A 196 6.11 -18.62 -9.96
CA LYS A 196 5.05 -19.59 -9.70
C LYS A 196 5.62 -20.79 -8.93
N HIS A 197 5.01 -21.09 -7.79
CA HIS A 197 5.49 -22.08 -6.80
C HIS A 197 7.01 -22.14 -6.56
N TYR B 3 2.95 -20.42 14.49
CA TYR B 3 3.07 -18.94 14.59
C TYR B 3 4.51 -18.44 14.44
N HIS B 4 4.65 -17.31 13.77
CA HIS B 4 5.90 -16.55 13.69
C HIS B 4 5.56 -15.10 13.29
N VAL B 5 6.54 -14.38 12.74
CA VAL B 5 6.36 -13.00 12.30
C VAL B 5 5.58 -12.94 10.99
N ILE B 6 4.56 -12.09 10.95
CA ILE B 6 3.81 -11.84 9.72
C ILE B 6 4.24 -10.46 9.25
N ASN B 7 5.12 -10.42 8.25
CA ASN B 7 5.48 -9.15 7.61
C ASN B 7 4.34 -8.64 6.73
N LEU B 8 3.81 -7.47 7.03
CA LEU B 8 2.75 -6.89 6.22
C LEU B 8 3.31 -5.92 5.19
N SER B 9 4.21 -5.05 5.65
CA SER B 9 4.83 -4.03 4.81
C SER B 9 6.18 -3.64 5.39
N ARG B 10 6.83 -2.69 4.73
CA ARG B 10 8.03 -2.02 5.22
C ARG B 10 7.86 -1.44 6.64
N HIS B 11 6.66 -1.00 6.95
CA HIS B 11 6.43 -0.31 8.21
C HIS B 11 5.55 -1.07 9.20
N LEU B 12 5.15 -2.29 8.87
CA LEU B 12 4.32 -3.07 9.77
C LEU B 12 4.59 -4.58 9.72
N ALA B 13 4.84 -5.16 10.89
CA ALA B 13 4.86 -6.59 11.07
C ALA B 13 4.00 -7.00 12.27
N ILE B 14 3.45 -8.20 12.22
CA ILE B 14 2.64 -8.71 13.33
C ILE B 14 3.40 -9.88 13.96
N VAL B 15 3.42 -9.88 15.29
CA VAL B 15 4.21 -10.83 16.05
C VAL B 15 3.34 -11.39 17.18
N PRO B 16 3.43 -12.72 17.45
CA PRO B 16 2.70 -13.27 18.60
C PRO B 16 3.29 -12.71 19.89
N GLU B 17 2.47 -12.51 20.92
CA GLU B 17 2.91 -11.78 22.13
C GLU B 17 4.14 -12.33 22.87
N TRP B 18 4.35 -13.65 22.78
CA TRP B 18 5.48 -14.31 23.43
C TRP B 18 6.85 -14.07 22.77
N GLU B 19 6.83 -13.76 21.47
CA GLU B 19 8.05 -13.62 20.66
C GLU B 19 8.97 -12.49 21.14
N ASP B 20 10.27 -12.69 20.96
CA ASP B 20 11.25 -11.64 21.25
C ASP B 20 11.88 -11.22 19.93
N TYR B 21 11.13 -10.45 19.15
CA TYR B 21 11.50 -10.15 17.77
C TYR B 21 12.15 -8.79 17.59
N GLN B 22 13.31 -8.79 16.97
CA GLN B 22 14.02 -7.56 16.65
C GLN B 22 14.03 -7.39 15.12
N PRO B 23 13.26 -6.41 14.61
CA PRO B 23 13.22 -6.23 13.16
C PRO B 23 14.52 -5.63 12.65
N VAL B 24 14.94 -6.04 11.45
CA VAL B 24 16.13 -5.48 10.81
C VAL B 24 15.98 -3.97 10.54
N PHE B 25 14.76 -3.52 10.20
CA PHE B 25 14.44 -2.10 10.14
C PHE B 25 13.91 -1.65 11.49
N LYS B 26 14.67 -0.77 12.15
CA LYS B 26 14.35 -0.31 13.50
C LYS B 26 13.01 0.43 13.60
N ASP B 27 12.60 1.09 12.51
CA ASP B 27 11.34 1.82 12.46
C ASP B 27 10.17 1.03 11.85
N GLN B 28 10.37 -0.25 11.57
CA GLN B 28 9.25 -1.13 11.22
C GLN B 28 8.44 -1.40 12.49
N GLU B 29 7.20 -0.94 12.50
CA GLU B 29 6.32 -1.10 13.65
C GLU B 29 5.98 -2.57 13.90
N ILE B 30 6.13 -3.01 15.15
CA ILE B 30 5.81 -4.38 15.51
C ILE B 30 4.51 -4.39 16.32
N ILE B 31 3.51 -5.08 15.80
CA ILE B 31 2.25 -5.17 16.52
C ILE B 31 2.14 -6.55 17.17
N ARG B 32 2.14 -6.55 18.50
CA ARG B 32 1.97 -7.78 19.26
CA ARG B 32 1.98 -7.77 19.31
C ARG B 32 0.50 -8.13 19.45
N LEU B 33 0.16 -9.39 19.15
CA LEU B 33 -1.19 -9.90 19.32
C LEU B 33 -1.15 -11.20 20.11
N ASP B 34 -2.17 -11.42 20.94
CA ASP B 34 -2.27 -12.63 21.76
C ASP B 34 -3.19 -13.63 21.05
N PRO B 35 -2.61 -14.76 20.58
CA PRO B 35 -3.32 -15.80 19.82
C PRO B 35 -4.35 -16.55 20.65
N GLY B 36 -4.17 -16.53 21.97
CA GLY B 36 -5.13 -17.13 22.90
C GLY B 36 -6.46 -16.38 22.98
N LEU B 37 -6.44 -15.11 22.60
CA LEU B 37 -7.67 -14.31 22.55
C LEU B 37 -8.38 -14.58 21.24
N ALA B 38 -9.66 -14.22 21.17
CA ALA B 38 -10.44 -14.41 19.95
C ALA B 38 -9.95 -13.48 18.82
N PHE B 39 -10.20 -13.90 17.57
CA PHE B 39 -9.85 -13.16 16.34
C PHE B 39 -8.36 -12.90 16.14
N GLY B 42 -6.41 -11.96 11.91
CA GLY B 42 -7.22 -13.05 11.35
C GLY B 42 -6.66 -13.56 10.03
N ASN B 43 -7.40 -13.30 8.96
CA ASN B 43 -6.95 -13.59 7.59
C ASN B 43 -5.85 -12.59 7.20
N HIS B 44 -4.69 -13.12 6.84
CA HIS B 44 -3.49 -12.31 6.60
C HIS B 44 -3.57 -11.47 5.34
N GLN B 45 -4.10 -12.05 4.26
CA GLN B 45 -4.35 -11.35 3.00
C GLN B 45 -5.26 -10.13 3.20
N THR B 46 -6.37 -10.31 3.91
CA THR B 46 -7.34 -9.23 4.03
C THR B 46 -6.84 -8.14 4.97
N THR B 47 -6.10 -8.55 6.00
CA THR B 47 -5.44 -7.62 6.90
C THR B 47 -4.46 -6.74 6.11
N GLN B 48 -3.63 -7.35 5.26
CA GLN B 48 -2.66 -6.60 4.46
C GLN B 48 -3.35 -5.59 3.51
N LEU B 49 -4.45 -5.98 2.88
CA LEU B 49 -5.16 -5.08 1.94
C LEU B 49 -5.66 -3.85 2.69
N ALA B 50 -6.30 -4.09 3.83
CA ALA B 50 -6.79 -3.00 4.69
C ALA B 50 -5.64 -2.09 5.14
N MET B 51 -4.53 -2.70 5.60
CA MET B 51 -3.35 -1.94 6.01
C MET B 51 -2.73 -1.06 4.93
N LEU B 52 -2.67 -1.57 3.70
CA LEU B 52 -2.16 -0.79 2.56
C LEU B 52 -3.05 0.42 2.29
N GLY B 53 -4.36 0.23 2.43
CA GLY B 53 -5.30 1.34 2.34
C GLY B 53 -5.10 2.39 3.42
N ILE B 54 -4.81 1.95 4.64
CA ILE B 54 -4.58 2.88 5.77
C ILE B 54 -3.27 3.63 5.55
N GLU B 55 -2.25 2.91 5.10
CA GLU B 55 -0.95 3.51 4.79
C GLU B 55 -1.09 4.59 3.71
N ARG B 56 -1.95 4.33 2.72
CA ARG B 56 -2.21 5.26 1.64
C ARG B 56 -2.97 6.48 2.16
N ALA B 57 -3.99 6.25 2.98
CA ALA B 57 -4.88 7.32 3.44
C ALA B 57 -4.27 8.23 4.49
N MET B 58 -3.38 7.71 5.34
CA MET B 58 -2.94 8.47 6.51
C MET B 58 -1.81 9.43 6.18
N VAL B 59 -2.12 10.45 5.40
CA VAL B 59 -1.14 11.52 5.06
C VAL B 59 -1.08 12.63 6.12
N LYS B 60 -2.11 12.68 6.97
CA LYS B 60 -2.16 13.56 8.13
C LYS B 60 -2.98 12.81 9.20
N PRO B 61 -2.95 13.25 10.49
CA PRO B 61 -3.84 12.63 11.50
C PRO B 61 -5.30 12.70 11.11
N LEU B 62 -5.92 11.53 11.04
CA LEU B 62 -7.33 11.42 10.71
C LEU B 62 -8.05 10.78 11.88
N THR B 63 -9.32 11.13 12.07
CA THR B 63 -10.18 10.46 13.04
C THR B 63 -10.72 9.16 12.40
N VAL B 64 -10.64 8.07 13.15
CA VAL B 64 -10.86 6.73 12.59
C VAL B 64 -11.95 5.98 13.36
N ALA B 65 -12.84 5.32 12.61
CA ALA B 65 -13.69 4.25 13.17
C ALA B 65 -13.28 2.94 12.50
N ASP B 66 -12.95 1.96 13.32
CA ASP B 66 -12.65 0.60 12.85
C ASP B 66 -13.84 -0.28 13.21
N VAL B 67 -14.60 -0.66 12.20
CA VAL B 67 -15.87 -1.35 12.39
C VAL B 67 -15.65 -2.85 12.27
N GLY B 68 -16.15 -3.62 13.24
CA GLY B 68 -15.92 -5.07 13.26
C GLY B 68 -14.49 -5.39 13.64
N THR B 69 -13.99 -4.70 14.67
CA THR B 69 -12.56 -4.66 14.98
C THR B 69 -11.89 -6.02 15.26
N GLY B 70 -12.69 -7.00 15.72
CA GLY B 70 -12.18 -8.35 16.01
C GLY B 70 -11.10 -8.32 17.07
N SER B 71 -9.87 -8.58 16.63
CA SER B 71 -8.70 -8.58 17.50
C SER B 71 -8.21 -7.16 17.83
N GLY B 72 -8.68 -6.18 17.06
CA GLY B 72 -8.24 -4.79 17.20
C GLY B 72 -7.06 -4.40 16.34
N ILE B 73 -6.57 -5.34 15.52
CA ILE B 73 -5.34 -5.13 14.73
C ILE B 73 -5.33 -3.80 13.93
N LEU B 74 -6.41 -3.54 13.19
CA LEU B 74 -6.48 -2.33 12.36
C LEU B 74 -6.60 -1.05 13.19
N ALA B 75 -7.36 -1.10 14.30
CA ALA B 75 -7.44 0.04 15.22
C ALA B 75 -6.06 0.37 15.79
N ILE B 76 -5.33 -0.69 16.18
CA ILE B 76 -3.98 -0.52 16.72
C ILE B 76 -3.00 0.06 15.67
N ALA B 77 -3.04 -0.48 14.47
CA ALA B 77 -2.20 0.00 13.38
C ALA B 77 -2.51 1.45 13.02
N ALA B 78 -3.79 1.79 12.97
CA ALA B 78 -4.19 3.17 12.72
C ALA B 78 -3.63 4.11 13.78
N HIS B 79 -3.69 3.69 15.05
CA HIS B 79 -3.17 4.51 16.17
C HIS B 79 -1.68 4.74 15.99
N LYS B 80 -0.95 3.68 15.71
CA LYS B 80 0.51 3.75 15.53
C LYS B 80 0.91 4.60 14.33
N LEU B 81 0.07 4.58 13.28
CA LEU B 81 0.29 5.38 12.07
C LEU B 81 -0.11 6.84 12.21
N GLY B 82 -0.52 7.24 13.42
CA GLY B 82 -0.71 8.64 13.74
C GLY B 82 -2.15 9.15 13.66
N ALA B 83 -3.13 8.28 13.87
CA ALA B 83 -4.53 8.73 13.86
C ALA B 83 -4.78 9.81 14.90
N LYS B 84 -5.70 10.73 14.58
CA LYS B 84 -6.13 11.79 15.50
CA LYS B 84 -6.12 11.79 15.51
C LYS B 84 -6.98 11.21 16.63
N SER B 85 -7.66 10.11 16.35
CA SER B 85 -8.44 9.39 17.35
C SER B 85 -8.86 8.08 16.72
N VAL B 86 -9.14 7.08 17.56
CA VAL B 86 -9.59 5.77 17.10
C VAL B 86 -10.75 5.26 17.95
N LEU B 87 -11.87 4.97 17.28
CA LEU B 87 -12.95 4.22 17.87
C LEU B 87 -12.98 2.85 17.21
N ALA B 88 -12.98 1.80 18.02
CA ALA B 88 -13.08 0.44 17.52
C ALA B 88 -14.41 -0.16 17.99
N THR B 89 -15.18 -0.72 17.05
CA THR B 89 -16.48 -1.32 17.38
C THR B 89 -16.57 -2.81 17.03
N ASP B 90 -17.35 -3.56 17.81
CA ASP B 90 -17.72 -4.94 17.46
C ASP B 90 -18.89 -5.38 18.32
N ILE B 91 -19.50 -6.50 17.95
CA ILE B 91 -20.71 -7.00 18.62
C ILE B 91 -20.45 -7.86 19.86
N SER B 92 -19.24 -8.39 20.00
CA SER B 92 -18.98 -9.37 21.05
C SER B 92 -18.15 -8.84 22.20
N ASP B 93 -18.41 -9.37 23.40
CA ASP B 93 -17.59 -9.15 24.58
C ASP B 93 -16.13 -9.54 24.33
N GLU B 94 -15.94 -10.63 23.59
CA GLU B 94 -14.59 -11.17 23.41
C GLU B 94 -13.77 -10.35 22.44
N SER B 95 -14.42 -9.69 21.49
CA SER B 95 -13.70 -8.69 20.68
C SER B 95 -13.29 -7.49 21.52
N MET B 96 -14.21 -7.00 22.36
CA MET B 96 -13.91 -5.92 23.28
C MET B 96 -12.73 -6.26 24.18
N THR B 97 -12.68 -7.49 24.68
CA THR B 97 -11.54 -8.00 25.47
C THR B 97 -10.25 -8.09 24.65
N ALA B 98 -10.32 -8.70 23.46
CA ALA B 98 -9.14 -8.87 22.63
C ALA B 98 -8.55 -7.52 22.21
N ALA B 99 -9.40 -6.60 21.74
CA ALA B 99 -8.95 -5.27 21.30
C ALA B 99 -8.24 -4.50 22.41
N GLU B 100 -8.85 -4.47 23.60
CA GLU B 100 -8.23 -3.80 24.76
C GLU B 100 -6.90 -4.42 25.17
N GLU B 101 -6.89 -5.76 25.29
CA GLU B 101 -5.69 -6.47 25.72
C GLU B 101 -4.56 -6.42 24.68
N ASN B 102 -4.91 -6.60 23.41
CA ASN B 102 -3.92 -6.43 22.33
C ASN B 102 -3.39 -4.99 22.26
N ALA B 103 -4.28 -3.99 22.44
CA ALA B 103 -3.79 -2.58 22.49
C ALA B 103 -2.75 -2.39 23.60
N ALA B 104 -3.09 -2.91 24.79
CA ALA B 104 -2.24 -2.82 25.98
C ALA B 104 -0.89 -3.51 25.78
N LEU B 105 -0.88 -4.65 25.09
CA LEU B 105 0.39 -5.33 24.73
C LEU B 105 1.28 -4.43 23.89
N ASN B 106 0.68 -3.47 23.20
CA ASN B 106 1.46 -2.56 22.39
C ASN B 106 1.62 -1.18 23.03
N GLY B 107 1.26 -1.10 24.32
CA GLY B 107 1.42 0.12 25.11
C GLY B 107 0.42 1.20 24.77
N ILE B 108 -0.75 0.81 24.29
CA ILE B 108 -1.79 1.74 23.87
C ILE B 108 -2.99 1.57 24.78
N TYR B 109 -3.42 2.66 25.41
CA TYR B 109 -4.48 2.62 26.42
C TYR B 109 -5.64 3.57 26.10
N ASP B 110 -5.49 4.33 25.01
CA ASP B 110 -6.47 5.35 24.62
C ASP B 110 -7.29 5.06 23.36
N ILE B 111 -7.35 3.81 22.91
CA ILE B 111 -8.29 3.46 21.85
C ILE B 111 -9.68 3.33 22.47
N ALA B 112 -10.65 4.09 21.97
CA ALA B 112 -12.04 4.00 22.44
C ALA B 112 -12.72 2.76 21.87
N LEU B 113 -13.49 2.09 22.71
CA LEU B 113 -14.17 0.85 22.32
C LEU B 113 -15.66 0.98 22.51
N GLN B 114 -16.44 0.49 21.56
CA GLN B 114 -17.88 0.47 21.71
C GLN B 114 -18.44 -0.86 21.24
N LYS B 115 -19.20 -1.49 22.13
CA LYS B 115 -19.87 -2.74 21.81
C LYS B 115 -21.19 -2.40 21.15
N THR B 116 -21.22 -2.61 19.83
CA THR B 116 -22.32 -2.19 18.99
C THR B 116 -22.23 -2.83 17.61
N SER B 117 -23.38 -2.99 16.98
CA SER B 117 -23.47 -3.53 15.63
C SER B 117 -23.29 -2.43 14.60
N LEU B 118 -22.25 -2.56 13.79
CA LEU B 118 -21.88 -1.60 12.73
C LEU B 118 -21.68 -0.21 13.31
N LEU B 119 -22.49 0.76 12.90
CA LEU B 119 -22.38 2.10 13.45
C LEU B 119 -23.66 2.57 14.13
N ALA B 120 -24.47 1.60 14.60
N ALA B 120 -24.48 1.61 14.58
CA ALA B 120 -25.64 1.88 15.41
CA ALA B 120 -25.87 1.85 15.04
C ALA B 120 -25.21 2.55 16.69
C ALA B 120 -26.10 3.06 15.95
N ASP B 121 -25.82 3.69 16.98
N ASP B 121 -25.38 3.09 17.07
CA ASP B 121 -25.59 4.40 18.23
CA ASP B 121 -25.53 4.14 18.06
C ASP B 121 -24.19 5.00 18.33
C ASP B 121 -24.19 4.85 18.29
N VAL B 122 -23.51 5.13 17.18
CA VAL B 122 -22.24 5.84 17.15
C VAL B 122 -22.55 7.27 16.74
N ASP B 123 -22.28 8.21 17.65
CA ASP B 123 -22.73 9.59 17.50
C ASP B 123 -21.92 10.44 16.52
N GLY B 124 -20.59 10.29 16.59
CA GLY B 124 -19.72 11.20 15.83
C GLY B 124 -19.58 10.89 14.35
N LYS B 125 -18.79 11.72 13.68
CA LYS B 125 -18.41 11.51 12.30
CA LYS B 125 -18.41 11.48 12.30
C LYS B 125 -16.89 11.31 12.24
N PHE B 126 -16.41 10.68 11.18
CA PHE B 126 -14.99 10.32 11.09
C PHE B 126 -14.39 10.71 9.75
N ASP B 127 -13.08 10.92 9.72
CA ASP B 127 -12.35 11.13 8.46
C ASP B 127 -12.10 9.82 7.72
N LEU B 128 -12.04 8.73 8.48
CA LEU B 128 -11.68 7.43 7.93
C LEU B 128 -12.49 6.31 8.61
N ILE B 129 -13.26 5.58 7.82
CA ILE B 129 -13.98 4.44 8.33
C ILE B 129 -13.36 3.18 7.70
N VAL B 130 -12.93 2.24 8.55
CA VAL B 130 -12.24 1.04 8.09
C VAL B 130 -13.07 -0.17 8.52
N ALA B 131 -13.22 -1.15 7.62
CA ALA B 131 -14.00 -2.35 7.92
C ALA B 131 -13.48 -3.55 7.15
N ASN B 132 -12.87 -4.50 7.87
CA ASN B 132 -12.50 -5.78 7.31
C ASN B 132 -13.48 -6.82 7.78
N ILE B 133 -14.62 -6.89 7.10
CA ILE B 133 -15.69 -7.80 7.46
C ILE B 133 -16.29 -8.34 6.16
N LEU B 134 -17.06 -9.42 6.27
CA LEU B 134 -17.61 -10.10 5.11
C LEU B 134 -18.63 -9.24 4.39
N ALA B 135 -18.76 -9.48 3.08
CA ALA B 135 -19.46 -8.59 2.17
C ALA B 135 -20.94 -8.38 2.47
N GLU B 136 -21.63 -9.40 2.97
CA GLU B 136 -23.05 -9.23 3.34
C GLU B 136 -23.26 -8.27 4.50
N ILE B 137 -22.31 -8.23 5.43
CA ILE B 137 -22.32 -7.26 6.53
C ILE B 137 -21.93 -5.89 6.01
N LEU B 138 -20.95 -5.84 5.10
CA LEU B 138 -20.57 -4.58 4.43
C LEU B 138 -21.76 -3.91 3.72
N LEU B 139 -22.60 -4.74 3.08
CA LEU B 139 -23.83 -4.26 2.44
C LEU B 139 -24.77 -3.55 3.43
N ASP B 140 -24.81 -4.02 4.67
CA ASP B 140 -25.55 -3.33 5.74
C ASP B 140 -24.83 -2.06 6.24
N LEU B 141 -23.50 -2.06 6.16
CA LEU B 141 -22.71 -0.90 6.57
C LEU B 141 -22.80 0.25 5.57
N ILE B 142 -22.86 -0.08 4.28
CA ILE B 142 -22.83 0.95 3.24
C ILE B 142 -23.82 2.13 3.48
N PRO B 143 -25.14 1.85 3.72
CA PRO B 143 -26.07 2.98 3.94
C PRO B 143 -25.87 3.79 5.22
N GLN B 144 -25.01 3.30 6.12
CA GLN B 144 -24.69 4.00 7.37
C GLN B 144 -23.49 4.93 7.23
N LEU B 145 -22.73 4.78 6.14
CA LEU B 145 -21.45 5.50 5.97
C LEU B 145 -21.60 7.02 5.90
N ASP B 146 -22.52 7.47 5.05
CA ASP B 146 -22.75 8.91 4.82
C ASP B 146 -22.90 9.76 6.09
N SER B 147 -23.80 9.34 6.98
CA SER B 147 -24.06 10.07 8.24
C SER B 147 -22.93 9.99 9.29
N HIS B 148 -21.92 9.15 9.06
CA HIS B 148 -20.79 9.02 9.98
C HIS B 148 -19.47 9.42 9.35
N LEU B 149 -19.54 10.13 8.23
CA LEU B 149 -18.35 10.49 7.50
C LEU B 149 -18.25 12.00 7.35
N ASN B 150 -17.13 12.58 7.79
CA ASN B 150 -16.84 13.99 7.56
C ASN B 150 -16.79 14.32 6.06
N GLU B 151 -16.80 15.61 5.70
CA GLU B 151 -16.55 15.95 4.30
C GLU B 151 -15.09 15.66 4.00
N ASP B 152 -14.84 15.16 2.79
CA ASP B 152 -13.56 14.57 2.39
C ASP B 152 -13.23 13.25 3.12
N GLY B 153 -14.24 12.67 3.77
CA GLY B 153 -14.08 11.39 4.47
C GLY B 153 -13.77 10.25 3.52
N GLN B 154 -12.95 9.31 3.97
CA GLN B 154 -12.56 8.16 3.18
C GLN B 154 -12.95 6.87 3.89
N VAL B 155 -13.04 5.79 3.11
CA VAL B 155 -13.52 4.50 3.61
C VAL B 155 -12.57 3.43 3.06
N ILE B 156 -12.18 2.50 3.92
CA ILE B 156 -11.42 1.33 3.49
C ILE B 156 -12.18 0.05 3.84
N PHE B 157 -12.52 -0.72 2.82
CA PHE B 157 -13.14 -2.04 3.00
C PHE B 157 -12.16 -3.11 2.65
N SER B 158 -12.20 -4.20 3.41
CA SER B 158 -11.50 -5.42 3.05
C SER B 158 -12.39 -6.59 3.45
N GLY B 159 -11.99 -7.80 3.10
CA GLY B 159 -12.76 -9.01 3.41
C GLY B 159 -13.80 -9.34 2.36
N ILE B 160 -13.70 -8.70 1.20
CA ILE B 160 -14.65 -8.92 0.09
C ILE B 160 -14.18 -10.06 -0.79
N ASP B 161 -14.96 -11.15 -0.86
CA ASP B 161 -14.70 -12.19 -1.87
C ASP B 161 -14.98 -11.63 -3.28
N TYR B 162 -14.17 -11.98 -4.27
CA TYR B 162 -14.28 -11.39 -5.63
C TYR B 162 -15.65 -11.57 -6.31
N LEU B 163 -16.34 -12.66 -5.98
CA LEU B 163 -17.69 -12.92 -6.48
C LEU B 163 -18.73 -11.96 -5.90
N GLN B 164 -18.43 -11.40 -4.73
CA GLN B 164 -19.31 -10.46 -4.06
C GLN B 164 -19.10 -9.01 -4.52
N LEU B 165 -18.04 -8.77 -5.27
CA LEU B 165 -17.70 -7.40 -5.69
C LEU B 165 -18.77 -6.61 -6.49
N PRO B 166 -19.41 -7.21 -7.52
CA PRO B 166 -20.54 -6.53 -8.19
C PRO B 166 -21.62 -5.95 -7.25
N LYS B 167 -22.06 -6.74 -6.27
CA LYS B 167 -23.06 -6.30 -5.29
CA LYS B 167 -23.06 -6.31 -5.27
C LYS B 167 -22.55 -5.13 -4.45
N ILE B 168 -21.28 -5.21 -4.03
CA ILE B 168 -20.61 -4.13 -3.29
C ILE B 168 -20.50 -2.86 -4.17
N GLU B 169 -20.01 -3.02 -5.40
CA GLU B 169 -19.88 -1.91 -6.35
C GLU B 169 -21.20 -1.20 -6.63
N GLN B 170 -22.28 -1.97 -6.77
CA GLN B 170 -23.61 -1.43 -7.06
C GLN B 170 -24.14 -0.65 -5.87
N ALA B 171 -24.04 -1.23 -4.68
CA ALA B 171 -24.44 -0.56 -3.42
C ALA B 171 -23.65 0.73 -3.12
N LEU B 172 -22.36 0.74 -3.44
CA LEU B 172 -21.54 1.96 -3.31
C LEU B 172 -22.02 3.06 -4.26
N ALA B 173 -22.24 2.70 -5.53
CA ALA B 173 -22.74 3.63 -6.56
C ALA B 173 -24.08 4.23 -6.15
N GLU B 174 -24.99 3.37 -5.70
CA GLU B 174 -26.33 3.75 -5.22
C GLU B 174 -26.29 4.70 -4.05
N ASN B 175 -25.24 4.62 -3.24
CA ASN B 175 -25.08 5.51 -2.08
C ASN B 175 -24.11 6.66 -2.33
N SER B 176 -23.81 6.87 -3.62
CA SER B 176 -22.94 7.95 -4.10
CA SER B 176 -22.93 7.95 -4.11
C SER B 176 -21.50 7.86 -3.56
N PHE B 177 -20.92 6.66 -3.68
CA PHE B 177 -19.52 6.45 -3.32
C PHE B 177 -18.76 5.95 -4.55
N GLN B 178 -17.53 6.43 -4.70
CA GLN B 178 -16.66 5.93 -5.75
C GLN B 178 -15.50 5.11 -5.16
N ILE B 179 -14.90 4.27 -6.01
CA ILE B 179 -13.74 3.46 -5.65
C ILE B 179 -12.51 4.13 -6.27
N ASP B 180 -11.63 4.60 -5.39
CA ASP B 180 -10.39 5.24 -5.78
C ASP B 180 -9.30 4.21 -6.06
N LEU B 181 -9.39 3.06 -5.39
CA LEU B 181 -8.38 2.01 -5.47
C LEU B 181 -9.00 0.65 -5.16
N LYS B 182 -8.77 -0.28 -6.06
CA LYS B 182 -9.23 -1.65 -5.92
C LYS B 182 -7.98 -2.53 -5.83
N MET B 183 -7.93 -3.38 -4.82
CA MET B 183 -6.79 -4.29 -4.65
C MET B 183 -7.31 -5.71 -4.62
N ARG B 184 -6.62 -6.64 -5.27
CA ARG B 184 -7.02 -8.02 -5.24
C ARG B 184 -5.83 -8.92 -4.98
N ALA B 185 -5.89 -9.66 -3.89
CA ALA B 185 -4.90 -10.69 -3.56
C ALA B 185 -5.60 -12.04 -3.35
N GLY B 186 -5.29 -13.02 -4.19
CA GLY B 186 -5.99 -14.30 -4.19
C GLY B 186 -7.42 -14.06 -4.59
N ARG B 187 -8.37 -14.53 -3.78
CA ARG B 187 -9.78 -14.27 -4.07
C ARG B 187 -10.33 -13.04 -3.34
N TRP B 188 -9.47 -12.38 -2.57
CA TRP B 188 -9.88 -11.27 -1.69
C TRP B 188 -9.69 -9.91 -2.30
N ILE B 189 -10.63 -9.02 -2.03
CA ILE B 189 -10.65 -7.66 -2.55
C ILE B 189 -10.58 -6.67 -1.41
N GLY B 190 -9.78 -5.62 -1.60
CA GLY B 190 -9.78 -4.44 -0.73
C GLY B 190 -10.10 -3.21 -1.54
N LEU B 191 -10.84 -2.28 -0.96
CA LEU B 191 -11.21 -1.04 -1.65
C LEU B 191 -10.91 0.22 -0.86
N ALA B 192 -10.34 1.21 -1.53
CA ALA B 192 -10.27 2.58 -1.01
C ALA B 192 -11.41 3.36 -1.66
N ILE B 193 -12.20 4.02 -0.81
CA ILE B 193 -13.50 4.58 -1.19
C ILE B 193 -13.59 6.04 -0.72
N SER B 194 -14.19 6.89 -1.55
CA SER B 194 -14.55 8.25 -1.14
C SER B 194 -15.92 8.63 -1.72
N ARG B 195 -16.45 9.80 -1.35
CA ARG B 195 -17.71 10.29 -1.94
CA ARG B 195 -17.70 10.25 -1.94
C ARG B 195 -17.53 10.58 -3.43
N LYS B 196 -18.56 10.29 -4.21
CA LYS B 196 -18.52 10.55 -5.66
CA LYS B 196 -18.53 10.54 -5.65
C LYS B 196 -18.16 12.00 -5.94
N HIS B 197 -17.11 12.18 -6.72
CA HIS B 197 -16.55 13.49 -7.07
C HIS B 197 -16.17 13.49 -8.54
C1 GOL C . 16.15 14.10 3.16
O1 GOL C . 17.49 14.14 3.61
C2 GOL C . 15.92 15.19 2.11
O2 GOL C . 16.20 14.68 0.82
C3 GOL C . 14.47 15.65 2.18
O3 GOL C . 14.37 17.00 1.81
C1 GOL D . 13.37 2.90 -20.97
O1 GOL D . 12.01 3.07 -21.31
C2 GOL D . 13.70 1.42 -20.81
O2 GOL D . 13.22 0.68 -21.92
C3 GOL D . 15.22 1.28 -20.79
O3 GOL D . 15.73 0.69 -19.62
C1 GOL E . -19.84 -7.76 13.24
O1 GOL E . -18.48 -8.12 13.12
C2 GOL E . -19.98 -6.25 13.05
O2 GOL E . -19.19 -5.56 13.99
C3 GOL E . -21.44 -5.79 13.18
O3 GOL E . -22.37 -6.79 12.80
#